data_7TQR
#
_entry.id   7TQR
#
_cell.length_a   168.990
_cell.length_b   168.990
_cell.length_c   67.751
_cell.angle_alpha   90.000
_cell.angle_beta   90.000
_cell.angle_gamma   120.000
#
_symmetry.space_group_name_H-M   'P 6 2 2'
#
loop_
_entity.id
_entity.type
_entity.pdbx_description
1 polymer 'Probable histidine ammonia-lyase'
2 water water
#
_entity_poly.entity_id   1
_entity_poly.type   'polypeptide(L)'
_entity_poly.pdbx_seq_one_letter_code
;SMIEIDGRSLRVEDVYAVAVEYDRVSISDDTLKAVEEKHEAFLKLINSGKTVYGVNTGFGSLLNVHIERDQEIELQKNLI
RSHSSGVGDYLENRYVRAIMAVRLNSLAAGYSAVSADLLNMMVEMLNRDVIPAVPKYGSVG(MDO)DLAPLAHIGLAMMG
EGKAFFEGRLMDSARALEKAGLKPYQFKEKEGVALINGTSFMSGILSIAVMDAHDILENAIRSALLSFEALGGTSKAFTP
WILGARPHLGQVAIGNRFREYLTGSDIVKRADSVKVQDAYTLRCIPQVYGSVADVIDYVENVLSVEINSATDNPLFNGEE
VVSGGNFHGEPVALAADFLAIALTDLGNMVERRIARLVDTNLSGLPPFLTPDSGLNSGYMIPQYTAAALCNRNKVLAYPS
SADTIPTSANQEDHVSMGATGSLKLLEIIDNVRYIIAIEYLLGSQALEFTDKGMSPSTRKIYEKIREKVEKLDHDRPPSF
DIETIRKMMDKKEFISALP
;
_entity_poly.pdbx_strand_id   A
#
# COMPACT_ATOMS: atom_id res chain seq x y z
N SER A 1 10.36 -14.04 10.54
CA SER A 1 9.61 -15.30 10.53
C SER A 1 9.48 -15.91 9.11
N MET A 2 8.44 -16.74 8.93
CA MET A 2 8.30 -17.63 7.78
C MET A 2 6.86 -17.59 7.25
N ILE A 3 6.70 -17.28 5.97
CA ILE A 3 5.39 -17.31 5.32
C ILE A 3 5.40 -18.50 4.37
N GLU A 4 4.50 -19.43 4.59
CA GLU A 4 4.37 -20.58 3.71
C GLU A 4 3.31 -20.28 2.66
N ILE A 5 3.63 -20.54 1.39
CA ILE A 5 2.78 -20.22 0.25
C ILE A 5 2.13 -21.52 -0.19
N ASP A 6 0.80 -21.54 -0.32
CA ASP A 6 0.14 -22.71 -0.89
C ASP A 6 -0.84 -22.36 -1.99
N GLY A 7 -0.82 -21.13 -2.49
CA GLY A 7 -1.67 -20.73 -3.57
C GLY A 7 -3.06 -20.35 -3.16
N ARG A 8 -3.45 -20.57 -1.87
CA ARG A 8 -4.81 -20.28 -1.46
C ARG A 8 -4.92 -19.58 -0.10
N SER A 9 -3.83 -19.33 0.63
CA SER A 9 -3.95 -18.82 2.01
C SER A 9 -3.33 -17.44 2.22
N LEU A 10 -2.91 -16.74 1.17
CA LEU A 10 -2.13 -15.52 1.37
C LEU A 10 -3.01 -14.37 1.86
N ARG A 11 -2.59 -13.71 2.93
CA ARG A 11 -3.28 -12.50 3.38
C ARG A 11 -2.44 -11.29 2.97
N VAL A 12 -3.12 -10.13 2.90
CA VAL A 12 -2.44 -8.89 2.55
C VAL A 12 -1.32 -8.60 3.54
N GLU A 13 -1.56 -8.85 4.84
CA GLU A 13 -0.50 -8.64 5.81
C GLU A 13 0.66 -9.61 5.65
N ASP A 14 0.47 -10.78 5.02
CA ASP A 14 1.60 -11.66 4.72
C ASP A 14 2.44 -11.10 3.55
N VAL A 15 1.78 -10.52 2.54
CA VAL A 15 2.50 -9.82 1.48
C VAL A 15 3.39 -8.73 2.08
N TYR A 16 2.82 -7.92 2.98
CA TYR A 16 3.64 -6.94 3.68
C TYR A 16 4.81 -7.58 4.44
N ALA A 17 4.53 -8.59 5.26
CA ALA A 17 5.59 -9.28 5.99
C ALA A 17 6.75 -9.67 5.08
N VAL A 18 6.46 -10.21 3.89
CA VAL A 18 7.54 -10.64 3.00
C VAL A 18 8.23 -9.43 2.38
N ALA A 19 7.43 -8.48 1.84
CA ALA A 19 7.96 -7.41 1.02
C ALA A 19 8.70 -6.36 1.85
N VAL A 20 8.14 -6.01 3.01
CA VAL A 20 8.64 -4.90 3.80
C VAL A 20 9.47 -5.36 4.98
N GLU A 21 9.07 -6.46 5.63
CA GLU A 21 9.79 -6.94 6.79
C GLU A 21 10.73 -8.09 6.46
N TYR A 22 10.76 -8.51 5.19
CA TYR A 22 11.75 -9.46 4.71
C TYR A 22 11.61 -10.83 5.37
N ASP A 23 10.39 -11.21 5.76
CA ASP A 23 10.14 -12.58 6.16
C ASP A 23 10.44 -13.54 5.01
N ARG A 24 10.96 -14.72 5.33
CA ARG A 24 11.21 -15.73 4.32
C ARG A 24 9.89 -16.35 3.83
N VAL A 25 9.89 -16.79 2.56
CA VAL A 25 8.77 -17.55 2.01
C VAL A 25 9.26 -18.98 1.83
N SER A 26 8.31 -19.91 1.87
CA SER A 26 8.58 -21.30 1.54
C SER A 26 7.34 -21.91 0.90
N ILE A 27 7.55 -23.04 0.21
CA ILE A 27 6.47 -23.84 -0.38
C ILE A 27 6.74 -25.27 0.00
N SER A 28 5.72 -25.96 0.52
CA SER A 28 5.98 -27.32 0.95
C SER A 28 6.29 -28.23 -0.23
N ASP A 29 7.03 -29.30 0.04
CA ASP A 29 7.23 -30.32 -0.97
C ASP A 29 5.92 -30.86 -1.53
N ASP A 30 4.88 -30.95 -0.72
CA ASP A 30 3.57 -31.44 -1.18
C ASP A 30 2.97 -30.50 -2.22
N THR A 31 2.88 -29.23 -1.89
CA THR A 31 2.45 -28.25 -2.87
C THR A 31 3.29 -28.37 -4.15
N LEU A 32 4.62 -28.44 -4.01
CA LEU A 32 5.46 -28.41 -5.21
C LEU A 32 5.25 -29.65 -6.06
N LYS A 33 5.02 -30.81 -5.40
CA LYS A 33 4.78 -32.05 -6.14
C LYS A 33 3.47 -31.98 -6.90
N ALA A 34 2.41 -31.46 -6.27
CA ALA A 34 1.15 -31.29 -7.00
C ALA A 34 1.25 -30.25 -8.13
N VAL A 35 1.98 -29.15 -7.91
CA VAL A 35 2.20 -28.22 -9.00
C VAL A 35 2.88 -28.95 -10.16
N GLU A 36 3.92 -29.73 -9.86
CA GLU A 36 4.68 -30.40 -10.90
C GLU A 36 3.82 -31.42 -11.63
N GLU A 37 3.02 -32.18 -10.90
CA GLU A 37 2.13 -33.15 -11.53
C GLU A 37 1.13 -32.46 -12.47
N LYS A 38 0.57 -31.30 -12.06
CA LYS A 38 -0.29 -30.58 -13.01
C LYS A 38 0.48 -30.07 -14.23
N HIS A 39 1.70 -29.54 -14.03
CA HIS A 39 2.55 -29.13 -15.15
C HIS A 39 2.76 -30.30 -16.14
N GLU A 40 2.98 -31.51 -15.60
CA GLU A 40 3.20 -32.66 -16.48
C GLU A 40 1.90 -33.08 -17.20
N ALA A 41 0.76 -33.05 -16.50
CA ALA A 41 -0.49 -33.28 -17.22
C ALA A 41 -0.69 -32.27 -18.37
N PHE A 42 -0.31 -31.02 -18.15
CA PHE A 42 -0.48 -30.03 -19.19
C PHE A 42 0.40 -30.35 -20.41
N LEU A 43 1.67 -30.66 -20.16
CA LEU A 43 2.57 -31.08 -21.24
C LEU A 43 2.01 -32.27 -22.01
N LYS A 44 1.52 -33.29 -21.30
CA LYS A 44 0.94 -34.45 -21.99
C LYS A 44 -0.21 -34.01 -22.89
N LEU A 45 -1.07 -33.13 -22.38
CA LEU A 45 -2.22 -32.71 -23.17
C LEU A 45 -1.80 -31.92 -24.43
N ILE A 46 -0.86 -30.98 -24.28
CA ILE A 46 -0.47 -30.20 -25.47
C ILE A 46 0.34 -31.07 -26.45
N ASN A 47 1.11 -32.04 -25.93
CA ASN A 47 1.86 -32.92 -26.82
C ASN A 47 0.93 -33.84 -27.59
N SER A 48 -0.20 -34.24 -26.99
CA SER A 48 -1.18 -35.02 -27.73
C SER A 48 -1.95 -34.16 -28.73
N GLY A 49 -2.29 -32.93 -28.35
CA GLY A 49 -3.00 -32.05 -29.26
C GLY A 49 -2.21 -31.72 -30.52
N LYS A 50 -0.90 -31.45 -30.38
CA LYS A 50 -0.13 -31.10 -31.56
C LYS A 50 -0.02 -32.27 -32.54
N THR A 51 -0.05 -33.51 -32.05
CA THR A 51 0.08 -34.68 -32.92
C THR A 51 -1.26 -35.25 -33.37
N VAL A 52 -2.31 -34.42 -33.44
CA VAL A 52 -3.61 -34.86 -33.95
C VAL A 52 -4.06 -33.91 -35.07
N ASN A 64 7.93 -33.01 -36.26
CA ASN A 64 9.16 -33.19 -35.50
C ASN A 64 9.05 -32.68 -34.07
N VAL A 65 9.09 -33.60 -33.11
CA VAL A 65 8.88 -33.25 -31.71
C VAL A 65 9.98 -32.30 -31.21
N HIS A 66 11.22 -32.51 -31.68
CA HIS A 66 12.36 -31.75 -31.17
C HIS A 66 12.27 -30.28 -31.55
N ILE A 67 12.11 -30.01 -32.85
CA ILE A 67 11.94 -28.65 -33.31
C ILE A 67 10.72 -28.01 -32.66
N GLU A 68 9.67 -28.79 -32.42
CA GLU A 68 8.46 -28.25 -31.78
C GLU A 68 8.75 -27.74 -30.37
N ARG A 69 9.40 -28.56 -29.55
CA ARG A 69 9.69 -28.06 -28.21
C ARG A 69 10.63 -26.87 -28.25
N ASP A 70 11.70 -26.92 -29.06
CA ASP A 70 12.64 -25.80 -29.07
C ASP A 70 11.94 -24.51 -29.50
N GLN A 71 11.02 -24.60 -30.46
CA GLN A 71 10.18 -23.45 -30.83
C GLN A 71 9.40 -22.90 -29.64
N GLU A 72 8.80 -23.79 -28.85
CA GLU A 72 7.98 -23.32 -27.74
C GLU A 72 8.83 -22.58 -26.71
N ILE A 73 10.05 -23.07 -26.46
CA ILE A 73 10.97 -22.39 -25.55
C ILE A 73 11.35 -21.01 -26.08
N GLU A 74 11.67 -20.93 -27.38
CA GLU A 74 12.03 -19.65 -27.99
C GLU A 74 10.88 -18.66 -27.85
N LEU A 75 9.64 -19.14 -28.00
CA LEU A 75 8.49 -18.26 -27.84
C LEU A 75 8.47 -17.63 -26.46
N GLN A 76 8.66 -18.43 -25.40
CA GLN A 76 8.62 -17.83 -24.06
C GLN A 76 9.68 -16.73 -23.94
N LYS A 77 10.87 -16.96 -24.51
CA LYS A 77 11.91 -15.93 -24.45
C LYS A 77 11.52 -14.67 -25.22
N ASN A 78 11.02 -14.85 -26.44
CA ASN A 78 10.64 -13.69 -27.25
C ASN A 78 9.60 -12.86 -26.53
N LEU A 79 8.69 -13.52 -25.84
CA LEU A 79 7.60 -12.86 -25.12
C LEU A 79 8.13 -12.04 -23.96
N ILE A 80 8.97 -12.67 -23.12
CA ILE A 80 9.60 -11.95 -22.01
C ILE A 80 10.32 -10.71 -22.53
N ARG A 81 11.11 -10.88 -23.59
CA ARG A 81 11.92 -9.75 -24.07
C ARG A 81 11.05 -8.67 -24.69
N SER A 82 10.22 -9.02 -25.66
CA SER A 82 9.40 -8.04 -26.38
C SER A 82 8.49 -7.28 -25.44
N HIS A 83 8.02 -7.94 -24.37
CA HIS A 83 7.09 -7.30 -23.45
C HIS A 83 7.77 -6.47 -22.39
N SER A 84 9.10 -6.55 -22.30
CA SER A 84 9.91 -5.78 -21.35
C SER A 84 10.06 -4.35 -21.89
N SER A 85 8.97 -3.60 -21.77
CA SER A 85 8.85 -2.31 -22.44
C SER A 85 8.41 -1.19 -21.48
N GLY A 86 8.70 -1.33 -20.16
CA GLY A 86 8.47 -0.25 -19.22
C GLY A 86 9.44 0.92 -19.41
N VAL A 87 9.04 2.10 -18.94
CA VAL A 87 9.87 3.29 -18.98
C VAL A 87 9.77 3.95 -17.61
N GLY A 88 10.73 4.85 -17.35
CA GLY A 88 10.71 5.61 -16.12
C GLY A 88 11.53 4.99 -15.00
N ASP A 89 11.52 5.67 -13.85
CA ASP A 89 12.28 5.24 -12.69
C ASP A 89 11.87 3.83 -12.26
N TYR A 90 12.81 3.13 -11.63
CA TYR A 90 12.54 1.80 -11.12
C TYR A 90 11.63 1.88 -9.90
N LEU A 91 10.70 0.94 -9.82
CA LEU A 91 9.85 0.80 -8.65
C LEU A 91 10.69 0.40 -7.42
N GLU A 92 10.34 0.95 -6.25
CA GLU A 92 11.08 0.68 -5.01
C GLU A 92 11.04 -0.81 -4.72
N ASN A 93 12.10 -1.31 -4.07
CA ASN A 93 12.23 -2.75 -3.89
C ASN A 93 11.09 -3.35 -3.07
N ARG A 94 10.57 -2.63 -2.07
CA ARG A 94 9.48 -3.20 -1.27
C ARG A 94 8.29 -3.55 -2.15
N TYR A 95 8.03 -2.74 -3.19
CA TYR A 95 6.92 -3.05 -4.08
C TYR A 95 7.24 -4.23 -5.00
N VAL A 96 8.45 -4.25 -5.60
CA VAL A 96 8.75 -5.39 -6.46
C VAL A 96 8.70 -6.69 -5.66
N ARG A 97 9.14 -6.67 -4.39
CA ARG A 97 9.04 -7.87 -3.54
C ARG A 97 7.60 -8.28 -3.33
N ALA A 98 6.71 -7.30 -3.13
CA ALA A 98 5.28 -7.60 -2.94
C ALA A 98 4.69 -8.23 -4.18
N ILE A 99 5.00 -7.65 -5.34
CA ILE A 99 4.52 -8.18 -6.61
C ILE A 99 5.02 -9.60 -6.80
N MET A 100 6.28 -9.86 -6.46
CA MET A 100 6.82 -11.19 -6.68
C MET A 100 6.12 -12.20 -5.78
N ALA A 101 5.85 -11.83 -4.52
CA ALA A 101 5.15 -12.74 -3.59
C ALA A 101 3.73 -13.04 -4.08
N VAL A 102 3.04 -12.01 -4.59
CA VAL A 102 1.68 -12.25 -5.09
C VAL A 102 1.72 -13.09 -6.36
N ARG A 103 2.64 -12.77 -7.26
CA ARG A 103 2.77 -13.54 -8.49
C ARG A 103 3.01 -15.02 -8.19
N LEU A 104 4.00 -15.31 -7.32
CA LEU A 104 4.31 -16.66 -6.89
C LEU A 104 3.08 -17.35 -6.29
N ASN A 105 2.39 -16.69 -5.36
CA ASN A 105 1.22 -17.32 -4.78
C ASN A 105 0.16 -17.63 -5.84
N SER A 106 -0.07 -16.69 -6.78
CA SER A 106 -1.15 -16.88 -7.76
C SER A 106 -0.81 -17.92 -8.82
N LEU A 107 0.49 -18.11 -9.11
CA LEU A 107 0.87 -19.22 -9.99
C LEU A 107 0.76 -20.55 -9.27
N ALA A 108 0.78 -20.55 -7.94
CA ALA A 108 0.60 -21.77 -7.19
C ALA A 108 -0.87 -22.08 -6.91
N ALA A 109 -1.80 -21.19 -7.30
CA ALA A 109 -3.22 -21.43 -7.04
C ALA A 109 -3.77 -22.66 -7.76
N GLY A 110 -3.09 -23.18 -8.78
CA GLY A 110 -3.48 -24.44 -9.34
C GLY A 110 -3.99 -24.45 -10.76
N TYR A 111 -4.05 -23.30 -11.43
CA TYR A 111 -4.59 -23.25 -12.78
C TYR A 111 -3.57 -22.81 -13.82
N SER A 112 -2.33 -22.52 -13.43
CA SER A 112 -1.35 -21.87 -14.32
C SER A 112 -0.41 -22.88 -14.99
N ALA A 113 -0.45 -24.14 -14.56
CA ALA A 113 0.29 -25.18 -15.23
C ALA A 113 1.79 -24.88 -15.34
N VAL A 114 2.36 -24.09 -14.42
CA VAL A 114 3.80 -23.83 -14.42
C VAL A 114 4.53 -24.96 -13.69
N SER A 115 5.86 -24.98 -13.77
CA SER A 115 6.60 -26.07 -13.13
C SER A 115 7.00 -25.64 -11.72
N ALA A 116 7.33 -26.65 -10.91
CA ALA A 116 7.80 -26.38 -9.56
C ALA A 116 9.05 -25.50 -9.58
N ASP A 117 9.95 -25.72 -10.54
CA ASP A 117 11.18 -24.93 -10.64
C ASP A 117 10.92 -23.43 -10.79
N LEU A 118 9.89 -23.03 -11.54
CA LEU A 118 9.61 -21.60 -11.66
C LEU A 118 9.24 -21.00 -10.29
N LEU A 119 8.39 -21.70 -9.55
CA LEU A 119 8.02 -21.24 -8.21
C LEU A 119 9.24 -21.19 -7.30
N ASN A 120 10.06 -22.24 -7.31
CA ASN A 120 11.25 -22.23 -6.47
C ASN A 120 12.21 -21.11 -6.87
N MET A 121 12.32 -20.81 -8.16
CA MET A 121 13.11 -19.66 -8.60
C MET A 121 12.64 -18.38 -7.89
N MET A 122 11.33 -18.12 -7.93
CA MET A 122 10.81 -16.91 -7.28
C MET A 122 11.03 -16.91 -5.77
N VAL A 123 10.89 -18.09 -5.14
CA VAL A 123 11.15 -18.23 -3.71
C VAL A 123 12.58 -17.81 -3.40
N GLU A 124 13.53 -18.30 -4.19
CA GLU A 124 14.93 -18.02 -3.90
C GLU A 124 15.29 -16.56 -4.19
N MET A 125 14.76 -15.98 -5.28
CA MET A 125 14.95 -14.55 -5.51
C MET A 125 14.47 -13.72 -4.32
N LEU A 126 13.30 -14.07 -3.75
CA LEU A 126 12.81 -13.31 -2.61
C LEU A 126 13.70 -13.53 -1.39
N ASN A 127 14.06 -14.80 -1.09
CA ASN A 127 14.79 -15.07 0.15
C ASN A 127 16.23 -14.62 0.09
N ARG A 128 16.80 -14.53 -1.11
CA ARG A 128 18.15 -14.03 -1.30
C ARG A 128 18.17 -12.57 -1.74
N ASP A 129 17.01 -11.93 -1.87
CA ASP A 129 16.93 -10.50 -2.21
C ASP A 129 17.62 -10.17 -3.53
N VAL A 130 17.27 -10.91 -4.58
CA VAL A 130 17.62 -10.55 -5.95
C VAL A 130 16.35 -9.99 -6.55
N ILE A 131 16.25 -8.68 -6.60
CA ILE A 131 14.97 -8.05 -6.91
C ILE A 131 15.11 -7.41 -8.29
N PRO A 132 14.33 -7.84 -9.28
CA PRO A 132 14.43 -7.22 -10.61
C PRO A 132 14.25 -5.70 -10.58
N ALA A 133 14.92 -5.02 -11.52
CA ALA A 133 14.68 -3.60 -11.70
C ALA A 133 13.44 -3.46 -12.57
N VAL A 134 12.39 -2.83 -12.04
CA VAL A 134 11.13 -2.76 -12.78
C VAL A 134 10.79 -1.29 -13.06
N PRO A 135 10.88 -0.85 -14.31
CA PRO A 135 10.39 0.52 -14.61
C PRO A 135 8.92 0.66 -14.20
N LYS A 136 8.60 1.78 -13.55
CA LYS A 136 7.24 1.94 -12.97
C LYS A 136 6.15 1.95 -14.03
N TYR A 137 6.41 2.52 -15.22
CA TYR A 137 5.32 2.80 -16.15
C TYR A 137 5.28 1.80 -17.30
N GLY A 138 4.07 1.47 -17.74
CA GLY A 138 3.87 0.69 -18.95
C GLY A 138 2.62 -0.18 -18.92
N SER A 139 2.21 -0.63 -17.75
CA SER A 139 1.00 -1.46 -17.69
C SER A 139 -0.27 -0.62 -17.88
N VAL A 140 -1.18 -1.11 -18.73
CA VAL A 140 -2.55 -0.60 -18.80
C VAL A 140 -3.53 -1.48 -17.98
N GLY A 141 -3.02 -2.35 -17.11
CA GLY A 141 -3.87 -3.08 -16.19
C GLY A 141 -4.82 -4.11 -16.79
N1 MDO A 142 -4.80 -4.43 -18.02
CA1 MDO A 142 -5.01 -5.75 -18.47
C1 MDO A 142 -4.16 -6.99 -18.96
CB MDO A 142 -5.86 -5.68 -19.77
N2 MDO A 142 -4.21 -7.71 -20.20
CA2 MDO A 142 -3.21 -8.86 -20.12
C2 MDO A 142 -2.62 -8.83 -18.71
O2 MDO A 142 -1.84 -9.63 -18.31
CB2 MDO A 142 -3.33 -9.41 -21.31
N3 MDO A 142 -3.29 -7.70 -18.07
CA3 MDO A 142 -2.87 -7.31 -16.76
C3 MDO A 142 -1.65 -6.37 -17.21
O3 MDO A 142 -1.40 -5.78 -18.27
H MDO A 142 -5.50 -3.92 -18.54
HA1 MDO A 142 -5.19 -5.99 -17.42
HB1 MDO A 142 -6.48 -6.57 -19.85
HB2 MDO A 142 -6.49 -4.80 -19.76
HB3 MDO A 142 -5.19 -5.62 -20.64
HB21 MDO A 142 -2.81 -10.29 -21.70
HB22 MDO A 142 -3.91 -9.20 -22.18
HA31 MDO A 142 -3.65 -6.75 -16.22
HA32 MDO A 142 -2.55 -8.15 -16.14
N ASP A 143 -0.86 -6.85 -16.24
CA ASP A 143 0.43 -6.10 -16.10
C ASP A 143 1.62 -6.61 -16.90
N LEU A 144 1.43 -6.73 -18.22
CA LEU A 144 2.42 -7.41 -19.07
C LEU A 144 3.83 -6.87 -18.88
N ALA A 145 4.04 -5.54 -19.04
CA ALA A 145 5.41 -5.03 -19.15
C ALA A 145 6.18 -5.15 -17.85
N PRO A 146 5.68 -4.67 -16.71
CA PRO A 146 6.41 -4.87 -15.45
C PRO A 146 6.69 -6.33 -15.11
N LEU A 147 5.74 -7.24 -15.35
CA LEU A 147 5.99 -8.65 -15.02
C LEU A 147 6.99 -9.27 -15.98
N ALA A 148 6.98 -8.80 -17.24
CA ALA A 148 8.02 -9.20 -18.19
C ALA A 148 9.39 -8.77 -17.70
N HIS A 149 9.51 -7.56 -17.14
CA HIS A 149 10.80 -7.13 -16.60
C HIS A 149 11.25 -8.06 -15.46
N ILE A 150 10.31 -8.50 -14.63
CA ILE A 150 10.64 -9.49 -13.60
C ILE A 150 11.17 -10.77 -14.26
N GLY A 151 10.46 -11.26 -15.26
CA GLY A 151 10.94 -12.47 -15.93
C GLY A 151 12.27 -12.26 -16.63
N LEU A 152 12.47 -11.07 -17.22
CA LEU A 152 13.73 -10.76 -17.88
C LEU A 152 14.86 -10.94 -16.90
N ALA A 153 14.71 -10.37 -15.69
CA ALA A 153 15.73 -10.59 -14.67
C ALA A 153 15.85 -12.06 -14.32
N MET A 154 14.74 -12.80 -14.33
CA MET A 154 14.79 -14.21 -13.92
C MET A 154 15.62 -15.03 -14.91
N MET A 155 15.53 -14.68 -16.19
CA MET A 155 16.37 -15.18 -17.27
C MET A 155 17.80 -14.67 -17.22
N GLY A 156 18.16 -13.83 -16.27
CA GLY A 156 19.52 -13.32 -16.25
C GLY A 156 19.81 -12.25 -17.28
N GLU A 157 18.81 -11.50 -17.72
CA GLU A 157 19.01 -10.37 -18.63
C GLU A 157 18.50 -9.08 -18.00
N GLY A 158 18.82 -7.94 -18.63
CA GLY A 158 18.42 -6.70 -17.99
C GLY A 158 19.11 -6.51 -16.66
N LYS A 159 18.51 -5.70 -15.79
CA LYS A 159 19.16 -5.30 -14.55
C LYS A 159 18.38 -5.84 -13.36
N ALA A 160 19.06 -5.94 -12.21
CA ALA A 160 18.46 -6.35 -10.95
C ALA A 160 19.24 -5.74 -9.78
N PHE A 161 18.61 -5.66 -8.61
CA PHE A 161 19.28 -5.24 -7.38
C PHE A 161 19.65 -6.48 -6.60
N PHE A 162 20.95 -6.64 -6.29
CA PHE A 162 21.41 -7.68 -5.39
C PHE A 162 21.68 -7.04 -4.03
N GLU A 163 20.85 -7.41 -3.03
CA GLU A 163 20.93 -6.79 -1.71
C GLU A 163 21.00 -5.27 -1.82
N GLY A 164 20.12 -4.70 -2.66
CA GLY A 164 20.04 -3.28 -2.86
C GLY A 164 21.08 -2.63 -3.77
N ARG A 165 21.98 -3.37 -4.41
CA ARG A 165 22.92 -2.76 -5.36
C ARG A 165 22.51 -3.11 -6.79
N LEU A 166 22.34 -2.09 -7.64
CA LEU A 166 21.91 -2.32 -9.03
C LEU A 166 23.06 -2.90 -9.83
N MET A 167 22.76 -3.86 -10.71
CA MET A 167 23.79 -4.48 -11.56
C MET A 167 23.07 -5.31 -12.61
N ASP A 168 23.83 -5.82 -13.58
CA ASP A 168 23.30 -6.79 -14.54
C ASP A 168 22.68 -7.98 -13.82
N SER A 169 21.52 -8.44 -14.29
CA SER A 169 20.81 -9.51 -13.59
C SER A 169 21.67 -10.77 -13.46
N ALA A 170 22.45 -11.09 -14.49
CA ALA A 170 23.27 -12.29 -14.42
C ALA A 170 24.29 -12.19 -13.30
N ARG A 171 24.87 -11.01 -13.10
CA ARG A 171 25.79 -10.83 -11.99
C ARG A 171 25.08 -10.92 -10.63
N ALA A 172 23.87 -10.36 -10.52
CA ALA A 172 23.13 -10.46 -9.25
C ALA A 172 22.79 -11.90 -8.93
N LEU A 173 22.23 -12.63 -9.91
CA LEU A 173 21.98 -14.06 -9.71
C LEU A 173 23.26 -14.81 -9.30
N GLU A 174 24.38 -14.51 -9.96
CA GLU A 174 25.61 -15.22 -9.62
C GLU A 174 26.06 -14.90 -8.19
N LYS A 175 25.99 -13.63 -7.78
CA LYS A 175 26.38 -13.30 -6.41
C LYS A 175 25.49 -13.99 -5.38
N ALA A 176 24.24 -14.27 -5.73
CA ALA A 176 23.30 -14.97 -4.85
C ALA A 176 23.39 -16.49 -4.96
N GLY A 177 24.30 -17.01 -5.77
CA GLY A 177 24.34 -18.46 -5.86
C GLY A 177 23.20 -19.06 -6.65
N LEU A 178 22.58 -18.31 -7.56
CA LEU A 178 21.46 -18.81 -8.34
C LEU A 178 21.86 -18.91 -9.81
N LYS A 179 21.24 -19.79 -10.50
CA LYS A 179 21.39 -19.93 -11.95
C LYS A 179 20.28 -19.14 -12.65
N PRO A 180 20.50 -18.58 -13.84
CA PRO A 180 19.37 -18.02 -14.57
C PRO A 180 18.36 -19.12 -14.83
N TYR A 181 17.09 -18.71 -14.87
CA TYR A 181 15.99 -19.64 -15.05
C TYR A 181 15.60 -19.69 -16.52
N GLN A 182 15.31 -20.87 -17.04
CA GLN A 182 14.87 -20.97 -18.43
C GLN A 182 13.39 -21.32 -18.47
N PHE A 183 12.58 -20.44 -19.05
CA PHE A 183 11.14 -20.65 -19.01
C PHE A 183 10.75 -21.79 -19.95
N LYS A 184 9.91 -22.70 -19.44
CA LYS A 184 9.36 -23.86 -20.15
C LYS A 184 8.07 -23.47 -20.88
N GLU A 185 7.50 -24.45 -21.58
CA GLU A 185 6.25 -24.28 -22.30
C GLU A 185 5.23 -23.47 -21.50
N LYS A 186 4.77 -22.37 -22.10
CA LYS A 186 3.74 -21.49 -21.56
C LYS A 186 4.10 -20.90 -20.21
N GLU A 187 5.35 -21.04 -19.75
CA GLU A 187 5.69 -20.44 -18.46
C GLU A 187 5.93 -18.94 -18.54
N GLY A 188 6.46 -18.42 -19.67
CA GLY A 188 6.55 -16.97 -19.84
C GLY A 188 5.19 -16.32 -19.95
N VAL A 189 4.28 -16.95 -20.72
CA VAL A 189 2.89 -16.52 -20.78
C VAL A 189 2.31 -16.48 -19.37
N ALA A 190 2.47 -17.56 -18.61
CA ALA A 190 1.90 -17.58 -17.27
C ALA A 190 2.48 -16.45 -16.42
N LEU A 191 3.79 -16.25 -16.48
CA LEU A 191 4.41 -15.28 -15.57
C LEU A 191 3.90 -13.87 -15.85
N ILE A 192 3.78 -13.49 -17.12
CA ILE A 192 3.52 -12.09 -17.44
C ILE A 192 2.04 -11.70 -17.56
N ASN A 193 1.13 -12.67 -17.69
CA ASN A 193 -0.29 -12.38 -17.69
C ASN A 193 -0.79 -12.37 -16.26
N GLY A 194 -1.60 -11.37 -15.89
CA GLY A 194 -2.21 -11.29 -14.58
C GLY A 194 -2.10 -9.91 -13.98
N THR A 195 -2.55 -9.81 -12.73
CA THR A 195 -2.77 -8.52 -12.08
C THR A 195 -1.81 -8.29 -10.92
N SER A 196 -0.69 -9.01 -10.87
CA SER A 196 0.15 -9.00 -9.68
C SER A 196 0.90 -7.69 -9.44
N PHE A 197 1.16 -6.92 -10.49
CA PHE A 197 1.74 -5.60 -10.29
C PHE A 197 0.77 -4.70 -9.55
N MET A 198 -0.47 -4.59 -10.06
CA MET A 198 -1.51 -3.83 -9.38
C MET A 198 -1.82 -4.39 -8.00
N SER A 199 -1.99 -5.71 -7.90
N SER A 199 -2.01 -5.72 -7.90
CA SER A 199 -2.42 -6.31 -6.64
CA SER A 199 -2.44 -6.31 -6.64
C SER A 199 -1.31 -6.37 -5.60
C SER A 199 -1.31 -6.37 -5.60
N GLY A 200 -0.06 -6.51 -6.03
CA GLY A 200 1.04 -6.47 -5.08
C GLY A 200 1.22 -5.07 -4.51
N ILE A 201 1.20 -4.07 -5.41
CA ILE A 201 1.36 -2.70 -4.94
C ILE A 201 0.20 -2.33 -4.04
N LEU A 202 -1.02 -2.73 -4.42
CA LEU A 202 -2.19 -2.38 -3.62
C LEU A 202 -2.22 -3.13 -2.28
N SER A 203 -1.63 -4.32 -2.18
CA SER A 203 -1.52 -4.98 -0.87
C SER A 203 -0.67 -4.14 0.08
N ILE A 204 0.48 -3.66 -0.43
CA ILE A 204 1.28 -2.78 0.43
C ILE A 204 0.51 -1.49 0.72
N ALA A 205 -0.20 -0.94 -0.28
CA ALA A 205 -0.89 0.32 -0.11
C ALA A 205 -2.01 0.21 0.93
N VAL A 206 -2.72 -0.90 0.93
CA VAL A 206 -3.83 -1.00 1.87
C VAL A 206 -3.30 -1.17 3.30
N MET A 207 -2.17 -1.90 3.45
CA MET A 207 -1.51 -1.92 4.76
C MET A 207 -1.07 -0.51 5.17
N ASP A 208 -0.46 0.26 4.23
CA ASP A 208 -0.05 1.62 4.56
C ASP A 208 -1.25 2.55 4.76
N ALA A 209 -2.39 2.29 4.11
CA ALA A 209 -3.59 3.07 4.39
C ALA A 209 -4.09 2.82 5.80
N HIS A 210 -4.06 1.55 6.23
CA HIS A 210 -4.41 1.26 7.62
C HIS A 210 -3.48 1.98 8.58
N ASP A 211 -2.18 1.93 8.29
CA ASP A 211 -1.21 2.61 9.14
C ASP A 211 -1.44 4.13 9.12
N ILE A 212 -1.93 4.66 7.99
CA ILE A 212 -2.28 6.08 7.95
C ILE A 212 -3.42 6.38 8.90
N LEU A 213 -4.49 5.57 8.85
CA LEU A 213 -5.63 5.81 9.73
C LEU A 213 -5.22 5.71 11.20
N GLU A 214 -4.43 4.69 11.53
CA GLU A 214 -3.93 4.53 12.89
C GLU A 214 -3.16 5.76 13.36
N ASN A 215 -2.31 6.29 12.48
CA ASN A 215 -1.57 7.49 12.85
C ASN A 215 -2.47 8.72 12.93
N ALA A 216 -3.47 8.82 12.07
CA ALA A 216 -4.40 9.94 12.11
C ALA A 216 -5.24 9.92 13.39
N ILE A 217 -5.59 8.74 13.88
CA ILE A 217 -6.24 8.68 15.18
C ILE A 217 -5.32 9.24 16.25
N ARG A 218 -4.06 8.82 16.26
CA ARG A 218 -3.16 9.28 17.32
C ARG A 218 -2.84 10.77 17.22
N SER A 219 -2.64 11.29 16.00
CA SER A 219 -2.33 12.71 15.86
C SER A 219 -3.56 13.55 16.16
N ALA A 220 -4.77 13.02 15.91
CA ALA A 220 -5.96 13.78 16.25
C ALA A 220 -6.14 13.90 17.74
N LEU A 221 -5.71 12.89 18.52
CA LEU A 221 -5.80 13.03 19.97
C LEU A 221 -5.13 14.33 20.43
N LEU A 222 -3.93 14.64 19.91
CA LEU A 222 -3.22 15.85 20.35
C LEU A 222 -4.03 17.11 20.06
N SER A 223 -4.50 17.28 18.81
CA SER A 223 -5.32 18.42 18.45
C SER A 223 -6.62 18.46 19.25
N PHE A 224 -7.25 17.30 19.43
CA PHE A 224 -8.54 17.27 20.08
C PHE A 224 -8.41 17.77 21.52
N GLU A 225 -7.34 17.39 22.19
CA GLU A 225 -7.12 17.87 23.55
C GLU A 225 -6.66 19.30 23.57
N ALA A 226 -5.77 19.68 22.65
CA ALA A 226 -5.33 21.09 22.65
C ALA A 226 -6.49 22.04 22.41
N LEU A 227 -7.45 21.65 21.57
CA LEU A 227 -8.62 22.48 21.30
C LEU A 227 -9.73 22.28 22.33
N GLY A 228 -9.49 21.43 23.33
CA GLY A 228 -10.43 21.19 24.41
C GLY A 228 -11.74 20.64 23.89
N GLY A 229 -11.71 19.62 23.02
CA GLY A 229 -12.93 19.09 22.49
C GLY A 229 -13.74 18.36 23.57
N THR A 230 -15.06 18.24 23.33
CA THR A 230 -15.94 17.46 24.18
C THR A 230 -16.09 16.03 23.66
N SER A 231 -16.05 15.06 24.57
CA SER A 231 -16.27 13.67 24.21
C SER A 231 -17.70 13.38 23.78
N LYS A 232 -18.61 14.37 23.88
CA LYS A 232 -20.02 14.13 23.56
C LYS A 232 -20.19 13.65 22.12
N ALA A 233 -19.32 14.09 21.21
CA ALA A 233 -19.38 13.64 19.82
C ALA A 233 -19.16 12.14 19.65
N PHE A 234 -18.54 11.48 20.65
CA PHE A 234 -18.30 10.05 20.55
C PHE A 234 -19.27 9.23 21.40
N THR A 235 -20.37 9.82 21.87
CA THR A 235 -21.35 9.09 22.67
C THR A 235 -21.77 7.82 21.93
N PRO A 236 -21.68 6.65 22.57
CA PRO A 236 -21.99 5.40 21.85
C PRO A 236 -23.37 5.36 21.20
N TRP A 237 -24.43 5.81 21.89
CA TRP A 237 -25.76 5.69 21.29
C TRP A 237 -25.93 6.65 20.11
N ILE A 238 -25.23 7.79 20.10
CA ILE A 238 -25.30 8.65 18.91
C ILE A 238 -24.66 7.93 17.74
N LEU A 239 -23.45 7.41 17.93
CA LEU A 239 -22.75 6.76 16.84
C LEU A 239 -23.51 5.55 16.34
N GLY A 240 -24.20 4.83 17.25
CA GLY A 240 -24.98 3.67 16.90
C GLY A 240 -26.32 4.00 16.27
N ALA A 241 -26.81 5.22 16.44
CA ALA A 241 -28.00 5.63 15.68
C ALA A 241 -27.77 5.69 14.16
N ARG A 242 -26.51 5.63 13.72
CA ARG A 242 -26.14 5.60 12.31
C ARG A 242 -25.02 4.56 12.13
N PRO A 243 -25.34 3.25 12.26
CA PRO A 243 -24.31 2.24 12.55
C PRO A 243 -23.54 1.73 11.33
N HIS A 244 -22.91 2.63 10.59
CA HIS A 244 -21.82 2.19 9.71
C HIS A 244 -20.70 1.64 10.59
N LEU A 245 -20.15 0.47 10.23
CA LEU A 245 -19.21 -0.22 11.14
C LEU A 245 -18.00 0.67 11.47
N GLY A 246 -17.48 1.39 10.47
CA GLY A 246 -16.34 2.26 10.68
C GLY A 246 -16.55 3.30 11.75
N GLN A 247 -17.68 4.01 11.71
CA GLN A 247 -17.81 5.14 12.65
C GLN A 247 -18.07 4.63 14.07
N VAL A 248 -18.70 3.48 14.20
CA VAL A 248 -18.89 2.88 15.52
C VAL A 248 -17.53 2.47 16.09
N ALA A 249 -16.69 1.83 15.26
CA ALA A 249 -15.38 1.37 15.72
C ALA A 249 -14.47 2.55 16.05
N ILE A 250 -14.42 3.57 15.17
CA ILE A 250 -13.61 4.77 15.42
C ILE A 250 -14.05 5.48 16.69
N GLY A 251 -15.37 5.65 16.88
CA GLY A 251 -15.84 6.21 18.13
C GLY A 251 -15.34 5.44 19.34
N ASN A 252 -15.40 4.09 19.28
CA ASN A 252 -14.87 3.31 20.41
C ASN A 252 -13.38 3.58 20.63
N ARG A 253 -12.59 3.69 19.53
CA ARG A 253 -11.16 3.93 19.70
C ARG A 253 -10.92 5.27 20.40
N PHE A 254 -11.65 6.32 19.98
CA PHE A 254 -11.45 7.64 20.56
C PHE A 254 -11.90 7.72 21.99
N ARG A 255 -13.05 7.11 22.34
CA ARG A 255 -13.47 7.07 23.73
C ARG A 255 -12.41 6.40 24.59
N GLU A 256 -11.90 5.26 24.16
CA GLU A 256 -10.88 4.57 24.95
C GLU A 256 -9.68 5.48 25.18
N TYR A 257 -9.17 6.12 24.10
CA TYR A 257 -7.96 6.93 24.24
C TYR A 257 -8.17 8.24 25.00
N LEU A 258 -9.37 8.82 24.97
CA LEU A 258 -9.61 10.04 25.73
C LEU A 258 -9.94 9.78 27.20
N THR A 259 -10.16 8.53 27.59
CA THR A 259 -10.39 8.21 29.00
C THR A 259 -9.24 8.73 29.86
N GLY A 260 -9.58 9.41 30.97
CA GLY A 260 -8.57 9.98 31.85
C GLY A 260 -8.13 11.40 31.52
N SER A 261 -8.71 12.05 30.52
CA SER A 261 -8.36 13.44 30.21
C SER A 261 -9.09 14.40 31.15
N ASP A 262 -8.34 15.16 31.95
CA ASP A 262 -8.93 16.28 32.67
C ASP A 262 -9.45 17.37 31.72
N ILE A 263 -8.70 17.65 30.64
CA ILE A 263 -9.15 18.66 29.71
C ILE A 263 -10.53 18.31 29.17
N VAL A 264 -10.70 17.06 28.76
CA VAL A 264 -11.97 16.71 28.13
C VAL A 264 -13.09 16.68 29.17
N LYS A 265 -12.80 16.21 30.40
CA LYS A 265 -13.82 16.27 31.45
C LYS A 265 -14.32 17.71 31.69
N ARG A 266 -13.40 18.67 31.73
CA ARG A 266 -13.83 20.08 31.81
C ARG A 266 -14.69 20.46 30.61
N ALA A 267 -14.21 20.15 29.39
CA ALA A 267 -14.95 20.55 28.20
C ALA A 267 -16.38 20.01 28.26
N ASP A 268 -16.52 18.74 28.64
CA ASP A 268 -17.84 18.12 28.76
C ASP A 268 -18.71 18.86 29.76
N SER A 269 -18.11 19.44 30.79
CA SER A 269 -18.92 20.22 31.72
C SER A 269 -19.36 21.59 31.16
N VAL A 270 -18.69 22.17 30.16
CA VAL A 270 -19.05 23.51 29.72
C VAL A 270 -19.32 23.65 28.22
N LYS A 271 -19.13 22.62 27.42
CA LYS A 271 -19.26 22.76 25.99
C LYS A 271 -20.35 21.83 25.46
N VAL A 272 -21.12 22.29 24.49
CA VAL A 272 -22.14 21.42 23.87
C VAL A 272 -21.58 20.66 22.68
N GLN A 273 -20.76 21.30 21.84
CA GLN A 273 -20.35 20.69 20.59
C GLN A 273 -19.14 21.43 20.05
N ASP A 274 -18.42 20.77 19.16
CA ASP A 274 -17.27 21.36 18.49
C ASP A 274 -17.54 21.51 17.00
N ALA A 275 -16.61 22.22 16.35
CA ALA A 275 -16.55 22.28 14.91
C ALA A 275 -16.34 20.87 14.31
N TYR A 276 -16.66 20.74 13.01
CA TYR A 276 -16.72 19.44 12.37
C TYR A 276 -15.39 18.68 12.39
N THR A 277 -14.26 19.39 12.36
CA THR A 277 -12.99 18.66 12.33
C THR A 277 -12.73 17.90 13.62
N LEU A 278 -13.51 18.18 14.67
CA LEU A 278 -13.54 17.35 15.88
C LEU A 278 -14.81 16.51 15.95
N ARG A 279 -15.97 17.13 15.77
CA ARG A 279 -17.22 16.41 16.01
C ARG A 279 -17.47 15.35 14.94
N CYS A 280 -16.96 15.54 13.72
CA CYS A 280 -17.27 14.59 12.65
C CYS A 280 -16.16 13.57 12.41
N ILE A 281 -15.20 13.46 13.32
CA ILE A 281 -14.11 12.49 13.17
C ILE A 281 -14.64 11.06 12.97
N PRO A 282 -15.62 10.59 13.75
CA PRO A 282 -16.10 9.21 13.52
C PRO A 282 -16.73 8.98 12.15
N GLN A 283 -17.53 9.93 11.64
CA GLN A 283 -18.21 9.76 10.35
C GLN A 283 -17.19 9.69 9.23
N VAL A 284 -16.22 10.61 9.26
CA VAL A 284 -15.25 10.66 8.18
C VAL A 284 -14.22 9.55 8.32
N TYR A 285 -13.63 9.39 9.52
CA TYR A 285 -12.57 8.40 9.67
C TYR A 285 -13.13 6.99 9.53
N GLY A 286 -14.35 6.78 10.00
CA GLY A 286 -15.00 5.48 9.86
C GLY A 286 -15.35 5.17 8.43
N SER A 287 -15.70 6.21 7.61
CA SER A 287 -15.84 5.98 6.16
C SER A 287 -14.54 5.49 5.56
N VAL A 288 -13.43 6.11 5.97
CA VAL A 288 -12.12 5.69 5.47
C VAL A 288 -11.85 4.25 5.88
N ALA A 289 -12.16 3.90 7.14
CA ALA A 289 -11.92 2.53 7.58
C ALA A 289 -12.74 1.56 6.73
N ASP A 290 -14.00 1.90 6.46
CA ASP A 290 -14.87 1.05 5.63
C ASP A 290 -14.28 0.88 4.23
N VAL A 291 -13.72 1.94 3.67
CA VAL A 291 -13.16 1.79 2.32
C VAL A 291 -11.93 0.89 2.36
N ILE A 292 -11.06 1.09 3.36
CA ILE A 292 -9.91 0.21 3.54
C ILE A 292 -10.35 -1.25 3.62
N ASP A 293 -11.41 -1.53 4.38
CA ASP A 293 -11.90 -2.91 4.53
C ASP A 293 -12.40 -3.45 3.19
N TYR A 294 -13.10 -2.58 2.43
CA TYR A 294 -13.57 -2.97 1.11
C TYR A 294 -12.39 -3.42 0.23
N VAL A 295 -11.32 -2.60 0.20
CA VAL A 295 -10.18 -2.92 -0.67
C VAL A 295 -9.51 -4.21 -0.22
N GLU A 296 -9.30 -4.35 1.09
CA GLU A 296 -8.69 -5.56 1.62
C GLU A 296 -9.50 -6.81 1.22
N ASN A 297 -10.83 -6.71 1.22
CA ASN A 297 -11.68 -7.85 0.77
C ASN A 297 -11.44 -8.19 -0.70
N VAL A 298 -11.41 -7.15 -1.55
CA VAL A 298 -11.05 -7.38 -2.96
C VAL A 298 -9.70 -8.09 -3.10
N LEU A 299 -8.67 -7.56 -2.43
CA LEU A 299 -7.32 -8.12 -2.55
C LEU A 299 -7.25 -9.54 -2.02
N SER A 300 -8.00 -9.81 -0.94
CA SER A 300 -7.97 -11.12 -0.34
C SER A 300 -8.41 -12.17 -1.33
N VAL A 301 -9.42 -11.86 -2.13
CA VAL A 301 -9.74 -12.75 -3.27
C VAL A 301 -8.63 -12.71 -4.33
N GLU A 302 -8.25 -11.50 -4.78
CA GLU A 302 -7.40 -11.35 -5.96
C GLU A 302 -6.03 -12.01 -5.81
N ILE A 303 -5.34 -11.83 -4.68
CA ILE A 303 -3.98 -12.39 -4.57
C ILE A 303 -3.98 -13.90 -4.40
N ASN A 304 -5.14 -14.52 -4.18
CA ASN A 304 -5.25 -15.96 -4.16
C ASN A 304 -5.95 -16.50 -5.42
N SER A 305 -6.06 -15.70 -6.47
CA SER A 305 -6.81 -16.06 -7.66
C SER A 305 -5.85 -16.36 -8.80
N ALA A 306 -6.33 -17.12 -9.79
CA ALA A 306 -5.59 -17.33 -11.06
C ALA A 306 -5.94 -16.19 -12.02
N THR A 307 -5.01 -15.29 -12.27
CA THR A 307 -5.26 -14.16 -13.16
C THR A 307 -4.45 -14.23 -14.43
N ASP A 308 -3.68 -15.32 -14.65
CA ASP A 308 -2.98 -15.49 -15.92
C ASP A 308 -3.94 -16.11 -16.94
N ASN A 309 -3.43 -16.46 -18.13
CA ASN A 309 -4.30 -16.86 -19.24
C ASN A 309 -3.42 -17.39 -20.36
N PRO A 310 -3.82 -18.47 -21.06
CA PRO A 310 -5.01 -19.28 -20.75
C PRO A 310 -4.81 -20.08 -19.44
N LEU A 311 -5.85 -20.71 -18.93
CA LEU A 311 -5.81 -21.48 -17.69
C LEU A 311 -6.01 -22.95 -17.97
N PHE A 312 -5.55 -23.77 -17.04
CA PHE A 312 -5.54 -25.22 -17.19
C PHE A 312 -6.21 -25.84 -15.98
N ASN A 313 -7.17 -26.72 -16.20
CA ASN A 313 -7.88 -27.32 -15.09
C ASN A 313 -7.56 -28.79 -14.94
N GLY A 314 -6.56 -29.29 -15.63
CA GLY A 314 -6.23 -30.68 -15.57
C GLY A 314 -6.72 -31.49 -16.75
N GLU A 315 -7.72 -31.02 -17.46
CA GLU A 315 -8.12 -31.70 -18.68
C GLU A 315 -8.33 -30.77 -19.87
N GLU A 316 -8.48 -29.46 -19.67
CA GLU A 316 -8.55 -28.59 -20.83
C GLU A 316 -7.92 -27.23 -20.56
N VAL A 317 -7.47 -26.58 -21.63
CA VAL A 317 -6.86 -25.26 -21.60
C VAL A 317 -7.85 -24.30 -22.21
N VAL A 318 -8.25 -23.27 -21.46
CA VAL A 318 -9.31 -22.38 -21.91
C VAL A 318 -8.86 -20.93 -21.71
N SER A 319 -9.15 -20.07 -22.69
CA SER A 319 -8.81 -18.65 -22.61
C SER A 319 -9.98 -17.85 -22.05
N GLY A 320 -9.69 -17.07 -21.01
CA GLY A 320 -10.70 -16.22 -20.39
C GLY A 320 -10.15 -14.82 -20.21
N GLY A 321 -10.72 -14.05 -19.28
CA GLY A 321 -10.29 -12.65 -19.13
C GLY A 321 -9.88 -12.31 -17.72
N ASN A 322 -9.39 -13.28 -16.93
CA ASN A 322 -9.12 -13.00 -15.52
C ASN A 322 -7.97 -12.04 -15.30
N PHE A 323 -7.17 -11.74 -16.33
CA PHE A 323 -6.10 -10.74 -16.20
C PHE A 323 -6.64 -9.31 -16.14
N HIS A 324 -7.92 -9.11 -16.42
CA HIS A 324 -8.45 -7.75 -16.54
C HIS A 324 -8.55 -7.13 -15.15
N GLY A 325 -7.85 -6.01 -14.96
CA GLY A 325 -7.68 -5.42 -13.64
C GLY A 325 -8.89 -4.74 -13.02
N GLU A 326 -10.06 -4.69 -13.69
CA GLU A 326 -11.17 -3.83 -13.21
C GLU A 326 -11.45 -3.84 -11.70
N PRO A 327 -11.59 -4.98 -11.01
CA PRO A 327 -11.96 -4.89 -9.58
C PRO A 327 -10.89 -4.20 -8.73
N VAL A 328 -9.60 -4.47 -9.01
CA VAL A 328 -8.57 -3.79 -8.24
C VAL A 328 -8.26 -2.38 -8.78
N ALA A 329 -8.54 -2.10 -10.07
CA ALA A 329 -8.37 -0.73 -10.60
C ALA A 329 -9.37 0.22 -9.96
N LEU A 330 -10.62 -0.22 -9.88
CA LEU A 330 -11.64 0.53 -9.17
C LEU A 330 -11.29 0.69 -7.71
N ALA A 331 -10.83 -0.38 -7.05
CA ALA A 331 -10.51 -0.28 -5.62
C ALA A 331 -9.38 0.73 -5.37
N ALA A 332 -8.35 0.73 -6.22
CA ALA A 332 -7.27 1.68 -6.05
C ALA A 332 -7.78 3.13 -6.17
N ASP A 333 -8.64 3.40 -7.18
CA ASP A 333 -9.17 4.78 -7.32
C ASP A 333 -10.06 5.17 -6.12
N PHE A 334 -10.85 4.21 -5.63
CA PHE A 334 -11.73 4.46 -4.48
C PHE A 334 -10.92 4.85 -3.24
N LEU A 335 -9.90 4.04 -2.92
CA LEU A 335 -9.08 4.30 -1.74
C LEU A 335 -8.32 5.62 -1.91
N ALA A 336 -7.87 5.94 -3.13
CA ALA A 336 -7.23 7.24 -3.36
C ALA A 336 -8.16 8.39 -2.93
N ILE A 337 -9.43 8.30 -3.33
CA ILE A 337 -10.38 9.34 -2.97
C ILE A 337 -10.53 9.44 -1.45
N ALA A 338 -10.84 8.30 -0.81
CA ALA A 338 -11.07 8.32 0.64
C ALA A 338 -9.87 8.90 1.39
N LEU A 339 -8.65 8.49 1.02
CA LEU A 339 -7.45 9.02 1.70
C LEU A 339 -7.24 10.52 1.44
N THR A 340 -7.49 10.96 0.20
CA THR A 340 -7.41 12.40 -0.09
C THR A 340 -8.35 13.17 0.82
N ASP A 341 -9.56 12.65 1.01
CA ASP A 341 -10.47 13.44 1.84
C ASP A 341 -10.14 13.36 3.32
N LEU A 342 -9.60 12.23 3.80
CA LEU A 342 -9.00 12.19 5.14
C LEU A 342 -7.92 13.29 5.30
N GLY A 343 -7.02 13.37 4.33
CA GLY A 343 -6.03 14.44 4.36
C GLY A 343 -6.65 15.84 4.40
N ASN A 344 -7.78 16.06 3.69
CA ASN A 344 -8.47 17.36 3.74
C ASN A 344 -8.95 17.64 5.15
N MET A 345 -9.51 16.63 5.81
CA MET A 345 -10.00 16.90 7.17
C MET A 345 -8.84 17.18 8.12
N VAL A 346 -7.73 16.45 7.99
CA VAL A 346 -6.59 16.73 8.86
C VAL A 346 -6.04 18.14 8.59
N GLU A 347 -5.94 18.52 7.31
CA GLU A 347 -5.48 19.87 6.97
C GLU A 347 -6.38 20.94 7.57
N ARG A 348 -7.71 20.71 7.52
CA ARG A 348 -8.61 21.69 8.13
C ARG A 348 -8.46 21.75 9.65
N ARG A 349 -8.15 20.62 10.30
CA ARG A 349 -7.92 20.72 11.73
C ARG A 349 -6.62 21.48 12.02
N ILE A 350 -5.58 21.24 11.22
CA ILE A 350 -4.35 22.03 11.34
C ILE A 350 -4.64 23.53 11.17
N ALA A 351 -5.52 23.86 10.21
CA ALA A 351 -5.88 25.26 9.95
C ALA A 351 -6.60 25.88 11.15
N ARG A 352 -7.37 25.06 11.89
CA ARG A 352 -8.02 25.53 13.11
C ARG A 352 -7.00 25.73 14.25
N LEU A 353 -6.02 24.82 14.39
CA LEU A 353 -5.01 24.93 15.45
C LEU A 353 -4.24 26.25 15.42
N VAL A 354 -3.87 26.74 14.23
CA VAL A 354 -2.98 27.88 14.15
C VAL A 354 -3.72 29.21 14.08
N ASP A 355 -5.05 29.19 14.09
CA ASP A 355 -5.92 30.37 13.97
C ASP A 355 -6.44 30.71 15.36
N THR A 356 -5.87 31.77 15.96
CA THR A 356 -6.18 32.05 17.36
C THR A 356 -7.68 32.27 17.58
N ASN A 357 -8.40 32.73 16.55
CA ASN A 357 -9.82 32.99 16.69
C ASN A 357 -10.66 31.72 16.70
N LEU A 358 -10.11 30.61 16.24
CA LEU A 358 -10.79 29.31 16.30
C LEU A 358 -10.29 28.44 17.45
N SER A 359 -9.00 28.51 17.75
CA SER A 359 -8.35 27.63 18.70
C SER A 359 -8.45 28.13 20.13
N GLY A 360 -8.43 29.45 20.33
CA GLY A 360 -8.26 29.99 21.67
C GLY A 360 -6.85 29.88 22.19
N LEU A 361 -5.89 29.60 21.30
CA LEU A 361 -4.47 29.52 21.61
C LEU A 361 -3.72 30.65 20.89
N PRO A 362 -2.48 30.90 21.28
CA PRO A 362 -1.76 32.02 20.69
C PRO A 362 -1.67 31.86 19.17
N PRO A 363 -1.68 32.97 18.44
CA PRO A 363 -1.71 32.90 16.97
C PRO A 363 -0.52 32.10 16.44
N PHE A 364 -0.80 31.10 15.61
CA PHE A 364 0.22 30.33 14.92
C PHE A 364 1.12 29.53 15.86
N LEU A 365 0.71 29.40 17.13
CA LEU A 365 1.34 28.53 18.14
C LEU A 365 2.75 28.98 18.54
N THR A 366 3.04 30.26 18.36
CA THR A 366 4.32 30.78 18.82
C THR A 366 4.13 31.56 20.11
N PRO A 367 5.08 31.50 21.04
CA PRO A 367 4.97 32.34 22.26
C PRO A 367 5.20 33.83 22.01
N ASP A 368 5.73 34.25 20.87
CA ASP A 368 5.96 35.69 20.63
C ASP A 368 5.63 36.01 19.18
N SER A 369 4.34 36.30 18.91
CA SER A 369 3.94 36.64 17.56
C SER A 369 4.65 37.86 17.05
N GLY A 370 5.32 38.59 17.93
CA GLY A 370 6.03 39.79 17.56
C GLY A 370 6.99 39.61 16.41
N LEU A 371 8.03 38.79 16.58
CA LEU A 371 8.98 38.57 15.50
C LEU A 371 9.05 37.12 15.04
N ASN A 372 8.06 36.29 15.40
CA ASN A 372 8.04 34.89 14.96
C ASN A 372 6.76 34.60 14.23
N SER A 373 6.85 33.68 13.26
CA SER A 373 5.68 33.14 12.57
C SER A 373 5.20 31.80 13.14
N GLY A 374 5.91 31.22 14.11
CA GLY A 374 5.49 29.93 14.69
C GLY A 374 5.36 28.84 13.64
N TYR A 375 4.22 28.16 13.66
CA TYR A 375 3.94 27.09 12.71
C TYR A 375 2.89 27.54 11.69
N MET A 376 2.98 28.80 11.27
CA MET A 376 2.07 29.32 10.26
C MET A 376 2.19 28.54 8.96
N ILE A 377 3.41 28.26 8.51
CA ILE A 377 3.64 27.77 7.16
C ILE A 377 3.42 26.26 6.98
N PRO A 378 3.63 25.41 8.00
CA PRO A 378 3.27 24.00 7.78
C PRO A 378 1.81 23.82 7.40
N GLN A 379 0.93 24.72 7.81
CA GLN A 379 -0.45 24.63 7.34
C GLN A 379 -0.55 24.85 5.83
N TYR A 380 0.28 25.75 5.28
CA TYR A 380 0.31 25.94 3.82
C TYR A 380 0.78 24.66 3.16
N THR A 381 1.82 24.07 3.72
CA THR A 381 2.36 22.83 3.16
C THR A 381 1.29 21.74 3.13
N ALA A 382 0.50 21.64 4.20
CA ALA A 382 -0.60 20.67 4.25
C ALA A 382 -1.63 20.97 3.17
N ALA A 383 -1.97 22.26 2.99
CA ALA A 383 -2.90 22.63 1.93
C ALA A 383 -2.34 22.29 0.55
N ALA A 384 -1.06 22.58 0.34
CA ALA A 384 -0.37 22.21 -0.91
C ALA A 384 -0.50 20.71 -1.17
N LEU A 385 -0.26 19.89 -0.15
CA LEU A 385 -0.36 18.44 -0.28
C LEU A 385 -1.79 18.00 -0.63
N CYS A 386 -2.79 18.61 0.02
CA CYS A 386 -4.19 18.34 -0.36
C CYS A 386 -4.45 18.67 -1.83
N ASN A 387 -3.95 19.81 -2.29
CA ASN A 387 -4.18 20.23 -3.68
C ASN A 387 -3.54 19.25 -4.67
N ARG A 388 -2.32 18.81 -4.36
CA ARG A 388 -1.71 17.75 -5.15
C ARG A 388 -2.57 16.47 -5.17
N ASN A 389 -3.05 16.04 -3.97
CA ASN A 389 -3.92 14.85 -3.90
C ASN A 389 -5.21 15.02 -4.70
N LYS A 390 -5.78 16.25 -4.76
CA LYS A 390 -6.97 16.48 -5.58
C LYS A 390 -6.72 16.25 -7.07
N VAL A 391 -5.51 16.56 -7.55
CA VAL A 391 -5.14 16.16 -8.90
C VAL A 391 -5.09 14.63 -9.02
N LEU A 392 -4.35 14.00 -8.12
CA LEU A 392 -4.14 12.55 -8.14
C LEU A 392 -5.41 11.74 -7.88
N ALA A 393 -6.43 12.34 -7.27
CA ALA A 393 -7.67 11.59 -7.03
C ALA A 393 -8.55 11.45 -8.28
N TYR A 394 -8.22 12.12 -9.40
CA TYR A 394 -8.89 11.80 -10.65
C TYR A 394 -8.77 10.28 -10.93
N PRO A 395 -9.88 9.59 -11.24
CA PRO A 395 -9.86 8.12 -11.37
C PRO A 395 -9.30 7.67 -12.70
N SER A 396 -8.12 7.05 -12.66
CA SER A 396 -7.52 6.57 -13.90
C SER A 396 -8.40 5.51 -14.56
N SER A 397 -9.17 4.73 -13.77
CA SER A 397 -10.01 3.68 -14.32
C SER A 397 -11.27 4.20 -15.00
N ALA A 398 -11.56 5.50 -14.93
CA ALA A 398 -12.62 6.05 -15.76
C ALA A 398 -12.21 6.14 -17.24
N ASP A 399 -10.96 5.87 -17.58
CA ASP A 399 -10.46 6.01 -18.93
C ASP A 399 -10.06 4.64 -19.45
N THR A 400 -9.96 4.50 -20.76
CA THR A 400 -9.43 3.27 -21.34
C THR A 400 -8.97 3.65 -22.73
N ILE A 401 -7.94 2.97 -23.22
CA ILE A 401 -7.40 3.30 -24.53
C ILE A 401 -7.16 1.95 -25.19
N PRO A 402 -7.62 1.70 -26.41
CA PRO A 402 -7.44 0.36 -27.00
C PRO A 402 -5.98 0.05 -27.30
N THR A 403 -5.61 -1.20 -27.10
CA THR A 403 -4.25 -1.68 -27.33
C THR A 403 -4.29 -2.95 -28.19
N SER A 404 -3.12 -3.33 -28.72
CA SER A 404 -2.96 -4.57 -29.48
C SER A 404 -3.83 -4.60 -30.74
N ALA A 405 -3.73 -3.55 -31.56
CA ALA A 405 -4.53 -3.46 -32.81
C ALA A 405 -6.02 -3.71 -32.52
N ASN A 406 -6.53 -3.12 -31.43
CA ASN A 406 -7.95 -3.18 -31.06
C ASN A 406 -8.41 -4.55 -30.57
N GLN A 407 -7.50 -5.52 -30.42
CA GLN A 407 -7.91 -6.81 -29.88
C GLN A 407 -8.05 -6.76 -28.38
N GLU A 408 -7.30 -5.88 -27.73
CA GLU A 408 -7.40 -5.67 -26.30
C GLU A 408 -8.05 -4.31 -26.13
N ASP A 409 -9.37 -4.28 -26.36
CA ASP A 409 -9.99 -3.01 -26.66
C ASP A 409 -10.71 -2.41 -25.46
N HIS A 410 -10.62 -3.02 -24.28
CA HIS A 410 -10.97 -2.34 -23.03
C HIS A 410 -10.01 -2.79 -21.93
N VAL A 411 -9.40 -1.82 -21.24
CA VAL A 411 -8.39 -2.13 -20.24
C VAL A 411 -8.72 -1.36 -18.96
N SER A 412 -8.23 -1.88 -17.82
CA SER A 412 -8.64 -1.27 -16.54
C SER A 412 -7.90 0.03 -16.23
N MET A 413 -6.65 0.19 -16.67
CA MET A 413 -5.81 1.35 -16.29
C MET A 413 -5.56 1.36 -14.79
N GLY A 414 -5.60 0.18 -14.17
CA GLY A 414 -5.38 0.07 -12.74
C GLY A 414 -3.93 0.19 -12.28
N ALA A 415 -2.94 0.02 -13.18
CA ALA A 415 -1.56 0.28 -12.77
C ALA A 415 -1.34 1.76 -12.46
N THR A 416 -1.87 2.64 -13.31
CA THR A 416 -1.87 4.06 -13.03
C THR A 416 -2.44 4.31 -11.64
N GLY A 417 -3.57 3.67 -11.36
CA GLY A 417 -4.28 3.92 -10.12
C GLY A 417 -3.52 3.44 -8.90
N SER A 418 -2.89 2.26 -8.98
CA SER A 418 -2.02 1.78 -7.91
C SER A 418 -0.86 2.73 -7.63
N LEU A 419 -0.20 3.23 -8.70
CA LEU A 419 0.98 4.08 -8.50
C LEU A 419 0.61 5.43 -7.90
N LYS A 420 -0.46 6.06 -8.41
CA LYS A 420 -0.84 7.37 -7.86
C LYS A 420 -1.41 7.21 -6.44
N LEU A 421 -2.00 6.04 -6.12
CA LEU A 421 -2.39 5.82 -4.73
C LEU A 421 -1.16 5.86 -3.82
N LEU A 422 -0.04 5.31 -4.27
CA LEU A 422 1.18 5.37 -3.46
C LEU A 422 1.58 6.81 -3.18
N GLU A 423 1.47 7.70 -4.19
CA GLU A 423 1.83 9.09 -3.89
C GLU A 423 0.84 9.74 -2.92
N ILE A 424 -0.46 9.50 -3.09
CA ILE A 424 -1.43 10.08 -2.16
C ILE A 424 -1.08 9.65 -0.73
N ILE A 425 -0.77 8.35 -0.54
CA ILE A 425 -0.40 7.83 0.77
C ILE A 425 0.81 8.57 1.32
N ASP A 426 1.86 8.71 0.51
CA ASP A 426 3.03 9.53 0.91
C ASP A 426 2.63 10.96 1.36
N ASN A 427 1.76 11.61 0.57
CA ASN A 427 1.36 13.00 0.86
C ASN A 427 0.52 13.09 2.14
N VAL A 428 -0.46 12.19 2.30
CA VAL A 428 -1.28 12.20 3.52
C VAL A 428 -0.39 11.90 4.75
N ARG A 429 0.61 11.03 4.59
CA ARG A 429 1.51 10.79 5.71
C ARG A 429 2.20 12.07 6.15
N TYR A 430 2.59 12.91 5.19
CA TYR A 430 3.19 14.18 5.58
C TYR A 430 2.18 15.09 6.28
N ILE A 431 0.94 15.13 5.79
CA ILE A 431 -0.10 15.94 6.46
C ILE A 431 -0.25 15.54 7.92
N ILE A 432 -0.35 14.24 8.16
CA ILE A 432 -0.45 13.74 9.53
C ILE A 432 0.80 14.05 10.34
N ALA A 433 2.01 13.92 9.74
CA ALA A 433 3.22 14.32 10.46
C ALA A 433 3.13 15.78 10.92
N ILE A 434 2.56 16.63 10.06
CA ILE A 434 2.36 18.04 10.40
C ILE A 434 1.38 18.17 11.57
N GLU A 435 0.33 17.36 11.57
CA GLU A 435 -0.59 17.46 12.71
C GLU A 435 0.06 16.98 14.01
N TYR A 436 0.82 15.88 13.99
CA TYR A 436 1.63 15.50 15.15
C TYR A 436 2.45 16.69 15.66
N LEU A 437 3.18 17.35 14.75
CA LEU A 437 4.06 18.45 15.15
C LEU A 437 3.28 19.59 15.78
N LEU A 438 2.22 20.04 15.10
CA LEU A 438 1.51 21.22 15.56
C LEU A 438 0.56 20.91 16.73
N GLY A 439 -0.04 19.73 16.80
CA GLY A 439 -0.87 19.38 17.95
C GLY A 439 -0.04 19.27 19.22
N SER A 440 1.18 18.69 19.12
CA SER A 440 2.08 18.66 20.26
C SER A 440 2.47 20.06 20.71
N GLN A 441 2.85 20.92 19.76
CA GLN A 441 3.14 22.31 20.11
C GLN A 441 1.92 23.01 20.76
N ALA A 442 0.72 22.81 20.20
CA ALA A 442 -0.47 23.47 20.75
C ALA A 442 -0.70 23.07 22.21
N LEU A 443 -0.41 21.82 22.56
CA LEU A 443 -0.60 21.41 23.94
C LEU A 443 0.35 22.17 24.88
N GLU A 444 1.44 22.74 24.36
CA GLU A 444 2.31 23.50 25.25
C GLU A 444 1.58 24.70 25.83
N PHE A 445 0.46 25.11 25.23
CA PHE A 445 -0.27 26.27 25.70
C PHE A 445 -1.47 25.91 26.56
N THR A 446 -1.55 24.65 27.01
CA THR A 446 -2.62 24.15 27.87
C THR A 446 -2.06 23.78 29.23
N ASP A 447 -2.95 23.34 30.11
CA ASP A 447 -2.49 22.89 31.42
C ASP A 447 -2.02 21.44 31.38
N LYS A 448 -2.02 20.81 30.20
CA LYS A 448 -1.51 19.44 30.00
C LYS A 448 -2.29 18.37 30.78
N GLY A 449 -3.50 18.66 31.21
CA GLY A 449 -4.30 17.58 31.78
C GLY A 449 -4.86 16.69 30.69
N MET A 450 -3.98 16.15 29.85
CA MET A 450 -4.41 15.27 28.76
C MET A 450 -4.51 13.84 29.28
N SER A 451 -5.19 12.99 28.50
CA SER A 451 -5.34 11.61 28.94
C SER A 451 -3.98 10.90 28.93
N PRO A 452 -3.86 9.78 29.65
CA PRO A 452 -2.62 8.99 29.56
C PRO A 452 -2.28 8.57 28.15
N SER A 453 -3.29 8.26 27.33
CA SER A 453 -3.00 7.85 25.96
C SER A 453 -2.42 9.01 25.14
N THR A 454 -3.08 10.18 25.20
CA THR A 454 -2.57 11.36 24.51
C THR A 454 -1.16 11.68 24.97
N ARG A 455 -0.90 11.55 26.27
CA ARG A 455 0.41 11.84 26.81
C ARG A 455 1.44 10.84 26.28
N LYS A 456 1.04 9.61 25.99
CA LYS A 456 2.02 8.70 25.37
C LYS A 456 2.43 9.20 23.98
N ILE A 457 1.47 9.69 23.21
CA ILE A 457 1.82 10.25 21.90
C ILE A 457 2.68 11.51 22.08
N TYR A 458 2.27 12.40 22.98
CA TYR A 458 3.00 13.64 23.20
C TYR A 458 4.44 13.37 23.61
N GLU A 459 4.64 12.44 24.57
CA GLU A 459 5.97 12.11 25.05
C GLU A 459 6.82 11.47 23.98
N LYS A 460 6.22 10.60 23.17
CA LYS A 460 7.00 10.03 22.07
C LYS A 460 7.44 11.14 21.11
N ILE A 461 6.57 12.11 20.80
CA ILE A 461 6.98 13.22 19.94
C ILE A 461 8.18 13.95 20.56
N ARG A 462 8.04 14.35 21.83
CA ARG A 462 9.08 15.08 22.53
C ARG A 462 10.39 14.31 22.73
N GLU A 463 10.42 12.97 22.58
CA GLU A 463 11.71 12.26 22.60
C GLU A 463 12.66 12.72 21.50
N LYS A 464 12.12 13.17 20.35
CA LYS A 464 12.90 13.55 19.19
C LYS A 464 12.66 14.98 18.71
N VAL A 465 11.55 15.62 19.07
CA VAL A 465 11.26 16.96 18.55
C VAL A 465 10.93 17.85 19.73
N GLU A 466 11.68 18.93 19.87
CA GLU A 466 11.49 19.84 20.98
C GLU A 466 10.29 20.75 20.74
N LYS A 467 9.77 21.31 21.83
CA LYS A 467 8.75 22.32 21.64
C LYS A 467 9.33 23.56 20.91
N LEU A 468 8.44 24.35 20.32
CA LEU A 468 8.88 25.50 19.54
C LEU A 468 8.94 26.74 20.43
N ASP A 469 10.13 27.35 20.55
CA ASP A 469 10.14 28.69 21.14
C ASP A 469 10.51 29.74 20.08
N HIS A 470 11.79 29.85 19.73
CA HIS A 470 12.15 30.68 18.58
C HIS A 470 11.91 29.94 17.29
N ASP A 471 11.63 30.69 16.22
CA ASP A 471 11.38 30.10 14.91
C ASP A 471 12.56 29.22 14.50
N ARG A 472 12.26 28.08 13.88
CA ARG A 472 13.28 27.23 13.27
C ARG A 472 12.62 26.45 12.15
N PRO A 473 13.41 25.87 11.24
CA PRO A 473 12.83 25.27 10.01
C PRO A 473 11.92 24.11 10.32
N PRO A 474 10.61 24.26 10.08
CA PRO A 474 9.71 23.12 10.35
C PRO A 474 10.00 21.89 9.51
N SER A 475 10.53 22.06 8.29
CA SER A 475 10.85 20.93 7.40
C SER A 475 11.56 19.78 8.12
N PHE A 476 12.56 20.09 8.94
CA PHE A 476 13.38 19.05 9.56
C PHE A 476 12.56 18.27 10.60
N ASP A 477 11.71 18.97 11.36
CA ASP A 477 10.89 18.29 12.35
C ASP A 477 9.81 17.43 11.68
N ILE A 478 9.21 17.95 10.61
CA ILE A 478 8.26 17.17 9.84
C ILE A 478 8.90 15.89 9.33
N GLU A 479 10.11 16.00 8.76
CA GLU A 479 10.76 14.80 8.26
C GLU A 479 11.08 13.81 9.40
N THR A 480 11.54 14.30 10.55
CA THR A 480 11.78 13.42 11.69
C THR A 480 10.52 12.67 12.09
N ILE A 481 9.41 13.40 12.22
CA ILE A 481 8.17 12.74 12.63
C ILE A 481 7.71 11.75 11.55
N ARG A 482 7.86 12.12 10.28
CA ARG A 482 7.52 11.18 9.21
C ARG A 482 8.36 9.90 9.31
N LYS A 483 9.65 10.04 9.61
CA LYS A 483 10.48 8.85 9.82
C LYS A 483 10.00 8.04 11.02
N MET A 484 9.60 8.71 12.11
CA MET A 484 9.05 7.99 13.26
C MET A 484 7.80 7.22 12.89
N MET A 485 6.90 7.85 12.10
CA MET A 485 5.70 7.16 11.59
C MET A 485 6.08 5.93 10.78
N ASP A 486 7.07 6.09 9.91
CA ASP A 486 7.47 4.98 9.06
C ASP A 486 8.12 3.86 9.85
N LYS A 487 8.69 4.16 11.02
CA LYS A 487 9.18 3.13 11.94
C LYS A 487 8.10 2.69 12.96
N LYS A 488 6.84 3.15 12.82
CA LYS A 488 5.71 2.70 13.64
C LYS A 488 5.88 3.06 15.12
N GLU A 489 6.53 4.20 15.39
CA GLU A 489 6.88 4.53 16.77
C GLU A 489 5.68 5.03 17.57
N PHE A 490 4.67 5.57 16.93
CA PHE A 490 3.50 6.02 17.71
C PHE A 490 2.52 4.88 17.99
N ILE A 491 2.42 3.93 17.09
CA ILE A 491 1.65 2.72 17.35
C ILE A 491 2.33 1.89 18.44
N SER A 492 3.67 1.87 18.45
CA SER A 492 4.34 1.24 19.56
C SER A 492 4.11 1.99 20.85
N ALA A 493 4.23 3.32 20.80
CA ALA A 493 4.03 4.13 21.99
C ALA A 493 2.62 3.93 22.57
N LEU A 494 1.62 3.83 21.69
CA LEU A 494 0.23 3.69 22.15
C LEU A 494 -0.46 2.64 21.29
N PRO A 495 -0.46 1.36 21.72
CA PRO A 495 -0.99 0.24 20.92
C PRO A 495 -2.42 0.39 20.34
#